data_4XAH
#
_entry.id   4XAH
#
_cell.length_a   75.650
_cell.length_b   76.900
_cell.length_c   84.570
_cell.angle_alpha   90.00
_cell.angle_beta   90.00
_cell.angle_gamma   90.00
#
_symmetry.space_group_name_H-M   'P 21 21 21'
#
loop_
_entity.id
_entity.type
_entity.pdbx_description
1 polymer 'EKC/KEOPS complex subunit CGI121'
2 water water
#
_entity_poly.entity_id   1
_entity_poly.type   'polypeptide(L)'
_entity_poly.pdbx_seq_one_letter_code
;MVVSIIPQFPDIKVSLALFEQVKNAKEIRSKMSELSTSFAFIDPRLVCSGEQMYSAIYKTLIEVKYNKMRTRNLNSECVL
(CME)LSPTSNISDAFLKFGIKDDSSQLICLKFHTNTDDVDKEQLRTIMTSIVKGQEIEFNDDNLSRFYDEALIRKIYKL
SDDFKPQDVNGLSRALVDAIQLRGVHHHHHH
;
_entity_poly.pdbx_strand_id   A,B
#
# COMPACT_ATOMS: atom_id res chain seq x y z
N MET A 1 4.87 30.11 -3.47
CA MET A 1 5.46 28.82 -3.13
C MET A 1 6.78 28.98 -2.36
N VAL A 2 7.18 27.92 -1.66
CA VAL A 2 8.46 27.88 -0.95
C VAL A 2 9.37 26.84 -1.59
N VAL A 3 10.66 27.14 -1.66
CA VAL A 3 11.64 26.15 -2.09
C VAL A 3 12.58 25.87 -0.91
N SER A 4 12.59 24.62 -0.45
CA SER A 4 13.22 24.28 0.83
C SER A 4 14.43 23.34 0.66
N ILE A 5 15.51 23.64 1.38
CA ILE A 5 16.73 22.82 1.32
C ILE A 5 17.27 22.48 2.70
N ILE A 6 17.47 21.20 2.97
CA ILE A 6 18.00 20.76 4.26
C ILE A 6 19.53 20.73 4.23
N PRO A 7 20.20 21.41 5.20
CA PRO A 7 21.67 21.49 5.13
C PRO A 7 22.37 20.15 4.91
N GLN A 8 21.97 19.10 5.64
CA GLN A 8 22.70 17.83 5.47
C GLN A 8 22.34 17.09 4.19
N PHE A 9 21.40 17.61 3.42
CA PHE A 9 21.02 17.04 2.11
C PHE A 9 21.01 18.13 1.04
N PRO A 10 22.18 18.72 0.77
CA PRO A 10 22.27 19.99 0.03
C PRO A 10 21.88 19.92 -1.45
N ASP A 11 21.89 18.72 -2.04
CA ASP A 11 21.56 18.56 -3.46
C ASP A 11 20.07 18.32 -3.74
N ILE A 12 19.25 18.27 -2.68
CA ILE A 12 17.81 18.06 -2.86
C ILE A 12 17.07 19.36 -2.54
N LYS A 13 16.17 19.78 -3.42
CA LYS A 13 15.29 20.91 -3.17
C LYS A 13 13.85 20.41 -3.18
N VAL A 14 13.03 20.92 -2.26
CA VAL A 14 11.61 20.58 -2.28
C VAL A 14 10.78 21.86 -2.40
N SER A 15 9.88 21.91 -3.38
CA SER A 15 8.96 23.05 -3.49
C SER A 15 7.60 22.71 -2.90
N LEU A 16 7.06 23.66 -2.15
CA LEU A 16 5.75 23.51 -1.52
C LEU A 16 4.87 24.71 -1.88
N ALA A 17 3.66 24.43 -2.36
CA ALA A 17 2.68 25.46 -2.67
C ALA A 17 1.38 25.08 -2.00
N LEU A 18 0.60 26.06 -1.58
CA LEU A 18 -0.69 25.82 -0.95
C LEU A 18 -1.78 26.48 -1.78
N PHE A 19 -2.86 25.74 -2.07
CA PHE A 19 -3.96 26.27 -2.88
C PHE A 19 -5.26 26.22 -2.08
N GLU A 20 -6.09 27.26 -2.22
CA GLU A 20 -7.42 27.21 -1.60
C GLU A 20 -8.49 27.35 -2.67
N GLN A 21 -9.75 27.20 -2.26
CA GLN A 21 -10.86 27.21 -3.22
C GLN A 21 -10.56 26.36 -4.44
N VAL A 22 -10.16 25.12 -4.22
CA VAL A 22 -9.81 24.24 -5.31
C VAL A 22 -11.08 23.62 -5.91
N LYS A 23 -11.17 23.66 -7.24
CA LYS A 23 -12.39 23.25 -7.92
C LYS A 23 -12.31 21.88 -8.54
N ASN A 24 -11.10 21.44 -8.91
CA ASN A 24 -10.98 20.18 -9.65
C ASN A 24 -10.27 19.09 -8.85
N ALA A 25 -10.57 18.99 -7.56
CA ALA A 25 -9.95 17.96 -6.72
C ALA A 25 -10.24 16.56 -7.27
N LYS A 26 -11.47 16.33 -7.72
CA LYS A 26 -11.82 15.03 -8.27
C LYS A 26 -10.92 14.63 -9.44
N GLU A 27 -10.75 15.51 -10.42
CA GLU A 27 -9.91 15.23 -11.58
C GLU A 27 -8.48 14.93 -11.18
N ILE A 28 -7.95 15.69 -10.22
CA ILE A 28 -6.59 15.48 -9.79
C ILE A 28 -6.45 14.12 -9.11
N ARG A 29 -7.37 13.82 -8.20
CA ARG A 29 -7.26 12.59 -7.45
C ARG A 29 -7.26 11.39 -8.38
N SER A 30 -8.03 11.48 -9.45
CA SER A 30 -8.16 10.37 -10.39
C SER A 30 -6.84 10.06 -11.10
N LYS A 31 -5.93 11.03 -11.14
CA LYS A 31 -4.66 10.87 -11.82
C LYS A 31 -3.48 10.86 -10.85
N MET A 32 -3.77 10.69 -9.56
CA MET A 32 -2.77 10.89 -8.53
C MET A 32 -1.51 10.05 -8.72
N SER A 33 -1.68 8.74 -8.96
CA SER A 33 -0.53 7.86 -9.11
CA SER A 33 -0.54 7.84 -9.13
C SER A 33 0.31 8.23 -10.34
N GLU A 34 -0.37 8.47 -11.45
CA GLU A 34 0.30 8.91 -12.67
C GLU A 34 1.03 10.23 -12.43
N LEU A 35 0.39 11.16 -11.73
CA LEU A 35 0.98 12.47 -11.48
C LEU A 35 2.13 12.44 -10.45
N SER A 36 2.26 11.34 -9.73
CA SER A 36 3.21 11.29 -8.61
C SER A 36 4.68 11.47 -9.05
N THR A 37 5.00 11.16 -10.30
CA THR A 37 6.37 11.38 -10.75
C THR A 37 6.67 12.88 -10.83
N SER A 38 5.63 13.70 -10.90
CA SER A 38 5.83 15.13 -10.95
C SER A 38 5.47 15.88 -9.65
N PHE A 39 4.37 15.48 -9.00
CA PHE A 39 3.90 16.15 -7.78
C PHE A 39 3.20 15.15 -6.85
N ALA A 40 3.29 15.41 -5.55
CA ALA A 40 2.33 14.86 -4.60
C ALA A 40 1.27 15.93 -4.33
N PHE A 41 0.03 15.51 -4.14
CA PHE A 41 -1.05 16.43 -3.80
C PHE A 41 -1.65 15.99 -2.47
N ILE A 42 -1.40 16.79 -1.43
CA ILE A 42 -1.67 16.34 -0.06
C ILE A 42 -2.83 17.10 0.54
N ASP A 43 -3.68 16.39 1.27
CA ASP A 43 -4.88 16.94 1.92
C ASP A 43 -4.50 17.77 3.16
N PRO A 44 -4.74 19.11 3.13
CA PRO A 44 -4.27 19.95 4.25
C PRO A 44 -5.04 19.69 5.55
N ARG A 45 -6.15 18.97 5.47
N ARG A 45 -6.15 18.97 5.47
CA ARG A 45 -6.89 18.61 6.68
CA ARG A 45 -6.88 18.62 6.69
C ARG A 45 -6.00 17.77 7.61
C ARG A 45 -6.00 17.77 7.61
N LEU A 46 -4.96 17.16 7.05
CA LEU A 46 -4.05 16.33 7.85
C LEU A 46 -2.73 17.05 8.23
N VAL A 47 -2.60 18.30 7.81
CA VAL A 47 -1.34 19.01 8.03
C VAL A 47 -1.61 20.32 8.78
N CYS A 48 -1.12 20.41 10.02
CA CYS A 48 -1.44 21.60 10.85
C CYS A 48 -0.35 22.67 10.88
N SER A 49 0.83 22.35 10.33
CA SER A 49 1.95 23.27 10.41
C SER A 49 3.05 22.99 9.38
N GLY A 50 3.89 23.98 9.14
CA GLY A 50 5.06 23.79 8.30
C GLY A 50 6.01 22.79 8.92
N GLU A 51 6.25 22.88 10.22
CA GLU A 51 7.25 22.02 10.84
C GLU A 51 6.83 20.55 10.67
N GLN A 52 5.53 20.28 10.65
CA GLN A 52 5.07 18.90 10.43
C GLN A 52 5.56 18.41 9.07
N MET A 53 5.36 19.23 8.04
CA MET A 53 5.74 18.89 6.67
CA MET A 53 5.75 18.87 6.68
C MET A 53 7.26 18.78 6.53
N TYR A 54 7.98 19.72 7.14
CA TYR A 54 9.43 19.68 7.05
C TYR A 54 9.97 18.45 7.75
N SER A 55 9.38 18.10 8.89
CA SER A 55 9.80 16.91 9.61
C SER A 55 9.59 15.66 8.73
N ALA A 56 8.48 15.59 8.02
CA ALA A 56 8.26 14.46 7.11
C ALA A 56 9.29 14.42 5.96
N ILE A 57 9.64 15.58 5.42
CA ILE A 57 10.59 15.66 4.31
C ILE A 57 11.97 15.19 4.78
N TYR A 58 12.36 15.61 5.99
CA TYR A 58 13.62 15.18 6.57
C TYR A 58 13.63 13.66 6.71
N LYS A 59 12.58 13.13 7.32
CA LYS A 59 12.48 11.70 7.56
C LYS A 59 12.57 10.97 6.24
N THR A 60 11.92 11.52 5.21
CA THR A 60 12.02 10.95 3.87
C THR A 60 13.47 10.82 3.39
N LEU A 61 14.22 11.92 3.42
CA LEU A 61 15.57 11.88 2.88
C LEU A 61 16.51 11.00 3.72
N ILE A 62 16.22 10.90 5.01
CA ILE A 62 16.98 10.01 5.90
C ILE A 62 16.68 8.55 5.53
N GLU A 63 15.41 8.20 5.40
CA GLU A 63 15.05 6.82 5.03
C GLU A 63 15.64 6.42 3.68
N VAL A 64 15.59 7.35 2.72
CA VAL A 64 16.05 7.07 1.36
C VAL A 64 17.57 7.04 1.28
N LYS A 65 18.23 8.00 1.93
CA LYS A 65 19.69 8.10 1.89
C LYS A 65 20.35 7.02 2.73
N TYR A 66 19.91 6.86 3.96
CA TYR A 66 20.52 5.89 4.87
C TYR A 66 19.75 4.56 4.98
N ASN A 67 18.79 4.33 4.09
CA ASN A 67 18.06 3.07 4.08
C ASN A 67 17.61 2.68 2.65
N LYS A 68 16.31 2.49 2.44
CA LYS A 68 15.81 2.11 1.11
C LYS A 68 14.58 2.93 0.69
N MET A 69 14.49 3.28 -0.59
CA MET A 69 13.25 3.88 -1.11
C MET A 69 12.21 2.79 -1.31
N ARG A 70 11.10 2.87 -0.56
CA ARG A 70 10.09 1.83 -0.60
C ARG A 70 9.13 2.00 -1.76
N THR A 71 8.97 3.24 -2.22
CA THR A 71 8.01 3.53 -3.26
C THR A 71 8.73 3.84 -4.56
N ARG A 72 7.93 4.18 -5.57
CA ARG A 72 8.46 4.47 -6.90
C ARG A 72 9.15 5.82 -7.08
N ASN A 73 8.95 6.75 -6.16
CA ASN A 73 9.60 8.05 -6.28
C ASN A 73 9.56 8.88 -4.95
N LEU A 74 10.39 9.91 -4.87
CA LEU A 74 10.51 10.71 -3.64
C LEU A 74 9.21 11.39 -3.24
N ASN A 75 8.46 11.87 -4.24
CA ASN A 75 7.18 12.51 -3.93
C ASN A 75 6.28 11.56 -3.17
N SER A 76 6.20 10.32 -3.66
CA SER A 76 5.38 9.29 -3.03
C SER A 76 6.00 8.87 -1.70
N GLU A 77 7.33 8.76 -1.69
CA GLU A 77 8.04 8.38 -0.47
C GLU A 77 7.70 9.37 0.67
N CYS A 78 7.57 10.64 0.31
CA CYS A 78 7.30 11.67 1.32
C CYS A 78 5.91 11.52 1.92
N VAL A 79 4.93 11.21 1.07
CA VAL A 79 3.58 10.91 1.54
C VAL A 79 3.59 9.71 2.50
N LEU A 80 4.35 8.69 2.14
CA LEU A 80 4.52 7.53 3.01
C LEU A 80 5.16 7.91 4.35
N CME A 81 6.16 8.78 4.33
CA CME A 81 6.82 9.19 5.57
CB CME A 81 8.24 9.62 5.33
SG CME A 81 9.30 8.55 4.71
SD CME A 81 9.73 7.25 6.03
CE CME A 81 8.71 5.75 5.86
CZ CME A 81 8.97 4.87 4.61
OH CME A 81 10.18 5.06 3.90
C CME A 81 5.99 10.15 6.43
O CME A 81 6.17 10.22 7.60
N LEU A 82 5.07 10.88 5.81
CA LEU A 82 4.18 11.76 6.53
C LEU A 82 3.20 10.94 7.37
N SER A 83 2.90 9.75 6.87
CA SER A 83 1.86 8.91 7.46
C SER A 83 2.47 7.90 8.43
N PRO A 84 1.65 7.43 9.38
CA PRO A 84 2.08 6.34 10.28
C PRO A 84 2.17 4.95 9.60
N THR A 85 1.49 4.75 8.48
CA THR A 85 1.44 3.43 7.82
C THR A 85 2.73 3.06 7.10
N SER A 86 2.89 1.77 6.80
CA SER A 86 4.03 1.33 5.99
C SER A 86 3.64 1.00 4.54
N ASN A 87 2.39 1.26 4.21
CA ASN A 87 1.89 0.94 2.87
C ASN A 87 1.51 2.21 2.09
N ILE A 88 2.06 2.36 0.88
CA ILE A 88 1.87 3.59 0.11
C ILE A 88 0.41 3.80 -0.33
N SER A 89 -0.29 2.73 -0.71
CA SER A 89 -1.68 2.90 -1.11
C SER A 89 -2.55 3.42 0.06
N ASP A 90 -2.24 2.98 1.28
CA ASP A 90 -2.94 3.45 2.48
C ASP A 90 -2.59 4.93 2.76
N ALA A 91 -1.32 5.28 2.58
CA ALA A 91 -0.87 6.66 2.78
C ALA A 91 -1.55 7.61 1.79
N PHE A 92 -1.66 7.20 0.52
CA PHE A 92 -2.34 8.03 -0.50
C PHE A 92 -3.81 8.17 -0.15
N LEU A 93 -4.43 7.07 0.28
CA LEU A 93 -5.84 7.08 0.62
C LEU A 93 -6.10 8.06 1.76
N LYS A 94 -5.22 8.07 2.75
CA LYS A 94 -5.47 8.91 3.91
C LYS A 94 -4.97 10.35 3.74
N PHE A 95 -3.78 10.50 3.16
CA PHE A 95 -3.15 11.81 3.08
C PHE A 95 -3.24 12.50 1.73
N GLY A 96 -3.56 11.74 0.68
CA GLY A 96 -3.76 12.34 -0.63
C GLY A 96 -5.05 13.18 -0.65
N ILE A 97 -5.16 14.08 -1.62
CA ILE A 97 -6.40 14.86 -1.73
C ILE A 97 -7.62 13.96 -1.93
N LYS A 98 -8.77 14.48 -1.52
CA LYS A 98 -10.01 13.76 -1.61
C LYS A 98 -10.85 14.39 -2.72
N ASP A 99 -11.88 13.67 -3.17
CA ASP A 99 -12.79 14.21 -4.18
C ASP A 99 -13.40 15.50 -3.67
N ASP A 100 -13.62 15.58 -2.36
CA ASP A 100 -14.25 16.76 -1.77
C ASP A 100 -13.26 17.78 -1.20
N SER A 101 -11.98 17.70 -1.59
CA SER A 101 -11.00 18.66 -1.07
C SER A 101 -11.22 20.06 -1.64
N SER A 102 -11.17 21.07 -0.77
CA SER A 102 -11.24 22.44 -1.21
C SER A 102 -9.89 23.18 -1.08
N GLN A 103 -8.94 22.56 -0.38
CA GLN A 103 -7.58 23.05 -0.36
C GLN A 103 -6.62 21.89 -0.69
N LEU A 104 -5.39 22.22 -1.07
CA LEU A 104 -4.38 21.18 -1.29
C LEU A 104 -2.97 21.72 -1.16
N ILE A 105 -2.07 20.85 -0.72
CA ILE A 105 -0.65 21.14 -0.72
C ILE A 105 -0.05 20.46 -1.95
N CYS A 106 0.66 21.24 -2.76
CA CYS A 106 1.35 20.68 -3.92
C CYS A 106 2.87 20.62 -3.66
N LEU A 107 3.42 19.42 -3.61
CA LEU A 107 4.82 19.19 -3.22
C LEU A 107 5.62 18.55 -4.37
N LYS A 108 6.86 18.99 -4.58
CA LYS A 108 7.73 18.35 -5.57
C LYS A 108 9.19 18.30 -5.12
N PHE A 109 9.79 17.10 -5.14
CA PHE A 109 11.20 16.93 -4.88
C PHE A 109 11.97 17.16 -6.18
N HIS A 110 12.98 18.01 -6.12
CA HIS A 110 13.89 18.23 -7.25
C HIS A 110 15.26 17.67 -6.90
N THR A 111 15.74 16.73 -7.70
CA THR A 111 17.05 16.13 -7.48
C THR A 111 18.08 16.67 -8.49
N ASN A 112 17.66 16.83 -9.74
CA ASN A 112 18.56 17.23 -10.81
C ASN A 112 18.64 18.74 -10.99
N THR A 113 17.77 19.47 -10.29
CA THR A 113 17.72 20.91 -10.43
C THR A 113 18.91 21.58 -9.75
N ASP A 114 19.63 22.41 -10.50
CA ASP A 114 20.70 23.20 -9.95
C ASP A 114 20.15 24.53 -9.46
N ASP A 115 18.98 24.89 -9.97
CA ASP A 115 18.34 26.15 -9.62
C ASP A 115 16.89 26.15 -10.13
N VAL A 116 15.96 25.87 -9.23
CA VAL A 116 14.55 25.73 -9.57
C VAL A 116 14.00 26.92 -10.37
N ASP A 117 13.32 26.62 -11.48
CA ASP A 117 12.71 27.64 -12.31
C ASP A 117 11.31 27.93 -11.77
N LYS A 118 11.23 28.88 -10.86
CA LYS A 118 10.00 29.11 -10.08
C LYS A 118 8.80 29.51 -10.93
N GLU A 119 9.00 30.32 -11.97
CA GLU A 119 7.87 30.73 -12.79
C GLU A 119 7.34 29.59 -13.67
N GLN A 120 8.23 28.73 -14.14
CA GLN A 120 7.78 27.57 -14.90
C GLN A 120 6.97 26.62 -14.01
N LEU A 121 7.51 26.31 -12.83
CA LEU A 121 6.85 25.42 -11.88
C LEU A 121 5.47 25.93 -11.51
N ARG A 122 5.38 27.22 -11.17
CA ARG A 122 4.10 27.80 -10.83
C ARG A 122 3.11 27.69 -11.99
N THR A 123 3.62 27.88 -13.19
CA THR A 123 2.79 27.80 -14.37
C THR A 123 2.22 26.39 -14.52
N ILE A 124 3.07 25.39 -14.38
CA ILE A 124 2.63 23.98 -14.46
C ILE A 124 1.65 23.64 -13.34
N MET A 125 1.98 24.04 -12.11
CA MET A 125 1.06 23.76 -11.00
C MET A 125 -0.32 24.34 -11.25
N THR A 126 -0.36 25.60 -11.69
CA THR A 126 -1.64 26.25 -11.91
C THR A 126 -2.34 25.73 -13.16
N SER A 127 -1.60 25.08 -14.05
CA SER A 127 -2.26 24.42 -15.18
C SER A 127 -2.96 23.17 -14.69
N ILE A 128 -2.40 22.54 -13.67
CA ILE A 128 -2.97 21.30 -13.15
C ILE A 128 -4.06 21.58 -12.12
N VAL A 129 -3.80 22.52 -11.22
CA VAL A 129 -4.73 22.79 -10.14
C VAL A 129 -5.60 23.99 -10.50
N LYS A 130 -6.91 23.84 -10.34
CA LYS A 130 -7.85 24.97 -10.46
C LYS A 130 -8.18 25.52 -9.09
N GLY A 131 -7.40 26.50 -8.63
CA GLY A 131 -7.64 27.08 -7.32
C GLY A 131 -6.76 28.30 -7.15
N GLN A 132 -6.74 28.86 -5.95
CA GLN A 132 -5.92 30.06 -5.72
C GLN A 132 -4.73 29.77 -4.81
N GLU A 133 -3.53 29.98 -5.33
CA GLU A 133 -2.34 29.87 -4.52
C GLU A 133 -2.34 30.90 -3.39
N ILE A 134 -2.08 30.43 -2.19
CA ILE A 134 -1.86 31.29 -1.04
C ILE A 134 -0.53 30.89 -0.46
N GLU A 135 -0.02 31.68 0.47
CA GLU A 135 1.33 31.42 0.99
C GLU A 135 1.36 30.13 1.79
N PHE A 136 2.38 29.31 1.56
CA PHE A 136 2.60 28.13 2.40
C PHE A 136 3.27 28.55 3.68
N ASN A 137 2.47 28.76 4.72
CA ASN A 137 2.99 29.19 6.01
C ASN A 137 2.08 28.72 7.14
N ASP A 138 2.51 28.88 8.37
CA ASP A 138 1.75 28.39 9.51
C ASP A 138 0.40 29.08 9.67
N ASP A 139 0.36 30.38 9.39
CA ASP A 139 -0.91 31.12 9.47
C ASP A 139 -1.99 30.49 8.62
N ASN A 140 -1.63 30.06 7.41
CA ASN A 140 -2.62 29.46 6.51
C ASN A 140 -2.91 28.00 6.85
N LEU A 141 -1.87 27.22 7.17
CA LEU A 141 -2.06 25.83 7.52
C LEU A 141 -2.91 25.69 8.79
N SER A 142 -2.83 26.67 9.69
CA SER A 142 -3.59 26.61 10.94
CA SER A 142 -3.60 26.63 10.94
C SER A 142 -5.10 26.71 10.69
N ARG A 143 -5.48 27.21 9.51
CA ARG A 143 -6.88 27.41 9.16
C ARG A 143 -7.58 26.12 8.72
N PHE A 144 -6.85 25.23 8.05
CA PHE A 144 -7.48 24.19 7.26
C PHE A 144 -7.37 22.77 7.84
N TYR A 145 -6.57 22.59 8.87
CA TYR A 145 -6.44 21.24 9.42
C TYR A 145 -7.67 20.82 10.22
N ASP A 146 -7.83 19.52 10.38
CA ASP A 146 -8.95 18.99 11.14
C ASP A 146 -8.41 18.13 12.26
N GLU A 147 -8.45 18.66 13.48
CA GLU A 147 -7.89 17.95 14.64
C GLU A 147 -8.47 16.54 14.83
N ALA A 148 -9.77 16.39 14.62
CA ALA A 148 -10.42 15.10 14.83
C ALA A 148 -9.82 14.04 13.92
N LEU A 149 -9.81 14.34 12.61
CA LEU A 149 -9.20 13.47 11.62
C LEU A 149 -7.74 13.17 11.95
N ILE A 150 -7.00 14.23 12.28
CA ILE A 150 -5.61 14.09 12.68
C ILE A 150 -5.46 13.13 13.88
N ARG A 151 -6.30 13.32 14.90
CA ARG A 151 -6.24 12.45 16.10
C ARG A 151 -6.47 10.98 15.73
N LYS A 152 -7.48 10.75 14.92
CA LYS A 152 -7.84 9.40 14.50
C LYS A 152 -6.74 8.77 13.64
N ILE A 153 -6.22 9.50 12.67
CA ILE A 153 -5.24 8.95 11.72
C ILE A 153 -3.84 8.71 12.34
N TYR A 154 -3.37 9.64 13.16
CA TYR A 154 -2.08 9.50 13.84
C TYR A 154 -2.24 8.76 15.17
N LYS A 155 -3.45 8.28 15.45
CA LYS A 155 -3.75 7.59 16.70
C LYS A 155 -3.26 8.39 17.90
N LEU A 156 -3.81 9.59 18.07
CA LEU A 156 -3.46 10.39 19.23
C LEU A 156 -4.39 10.00 20.36
N SER A 157 -3.86 10.00 21.58
CA SER A 157 -4.64 9.62 22.75
C SER A 157 -5.67 10.68 23.08
N ASP A 158 -6.87 10.26 23.44
CA ASP A 158 -7.93 11.17 23.88
C ASP A 158 -7.47 11.91 25.13
N ASP A 159 -6.57 11.27 25.89
CA ASP A 159 -5.99 11.88 27.08
C ASP A 159 -5.11 13.06 26.68
N PHE A 160 -4.39 12.90 25.57
CA PHE A 160 -3.57 13.98 25.03
C PHE A 160 -4.44 15.19 24.75
N LYS A 161 -4.17 16.28 25.46
CA LYS A 161 -5.00 17.48 25.39
C LYS A 161 -4.15 18.70 25.11
N PRO A 162 -3.72 18.86 23.85
CA PRO A 162 -2.95 20.05 23.49
C PRO A 162 -3.76 21.32 23.74
N GLN A 163 -3.08 22.42 24.01
CA GLN A 163 -3.76 23.68 24.25
C GLN A 163 -3.85 24.54 23.00
N ASP A 164 -3.02 24.23 22.02
CA ASP A 164 -3.05 24.98 20.76
C ASP A 164 -2.43 24.18 19.62
N VAL A 165 -2.28 24.83 18.48
CA VAL A 165 -1.80 24.14 17.30
C VAL A 165 -0.33 23.79 17.51
N ASN A 166 0.41 24.65 18.21
CA ASN A 166 1.81 24.36 18.54
C ASN A 166 1.98 23.04 19.28
N GLY A 167 1.11 22.79 20.25
CA GLY A 167 1.15 21.54 20.97
C GLY A 167 0.80 20.35 20.07
N LEU A 168 -0.26 20.49 19.29
CA LEU A 168 -0.69 19.44 18.37
C LEU A 168 0.46 19.13 17.42
N SER A 169 1.01 20.19 16.82
CA SER A 169 2.13 20.08 15.88
C SER A 169 3.28 19.32 16.53
N ARG A 170 3.64 19.71 17.74
CA ARG A 170 4.77 19.07 18.41
C ARG A 170 4.53 17.55 18.55
N ALA A 171 3.30 17.15 18.84
CA ALA A 171 3.01 15.73 18.97
C ALA A 171 3.06 14.98 17.61
N LEU A 172 2.68 15.66 16.53
CA LEU A 172 2.80 15.06 15.21
C LEU A 172 4.25 14.91 14.78
N VAL A 173 5.06 15.94 15.05
CA VAL A 173 6.49 15.86 14.74
C VAL A 173 7.10 14.66 15.47
N ASP A 174 6.73 14.50 16.75
CA ASP A 174 7.13 13.34 17.54
C ASP A 174 6.70 12.00 16.91
N ALA A 175 5.42 11.90 16.55
CA ALA A 175 4.93 10.70 15.89
C ALA A 175 5.75 10.42 14.63
N ILE A 176 6.05 11.47 13.89
CA ILE A 176 6.72 11.33 12.60
C ILE A 176 8.20 10.95 12.75
N GLN A 177 8.93 11.70 13.58
CA GLN A 177 10.36 11.46 13.78
CA GLN A 177 10.35 11.45 13.79
C GLN A 177 10.62 10.03 14.25
N MET B 1 11.06 -19.68 0.40
CA MET B 1 9.90 -20.55 0.53
C MET B 1 9.66 -20.89 2.01
N VAL B 2 8.50 -20.48 2.55
CA VAL B 2 8.06 -21.00 3.85
C VAL B 2 7.19 -22.22 3.61
N VAL B 3 7.28 -23.20 4.50
CA VAL B 3 6.43 -24.39 4.44
C VAL B 3 5.56 -24.43 5.68
N SER B 4 4.25 -24.51 5.48
CA SER B 4 3.29 -24.30 6.58
C SER B 4 2.41 -25.53 6.82
N ILE B 5 2.24 -25.91 8.08
CA ILE B 5 1.45 -27.08 8.48
C ILE B 5 0.47 -26.71 9.59
N ILE B 6 -0.81 -26.96 9.36
CA ILE B 6 -1.86 -26.68 10.33
C ILE B 6 -2.04 -27.93 11.21
N PRO B 7 -2.00 -27.76 12.55
CA PRO B 7 -2.12 -28.90 13.47
C PRO B 7 -3.33 -29.78 13.18
N GLN B 8 -4.46 -29.17 12.84
CA GLN B 8 -5.70 -29.89 12.56
C GLN B 8 -5.61 -30.78 11.31
N PHE B 9 -4.66 -30.48 10.44
CA PHE B 9 -4.50 -31.17 9.16
C PHE B 9 -3.02 -31.52 8.98
N PRO B 10 -2.52 -32.46 9.78
CA PRO B 10 -1.08 -32.71 9.95
C PRO B 10 -0.41 -33.35 8.75
N ASP B 11 -1.17 -33.96 7.85
CA ASP B 11 -0.57 -34.64 6.70
C ASP B 11 -0.49 -33.76 5.46
N ILE B 12 -0.94 -32.52 5.56
CA ILE B 12 -0.87 -31.57 4.44
C ILE B 12 0.16 -30.48 4.70
N LYS B 13 0.96 -30.18 3.67
CA LYS B 13 1.91 -29.09 3.77
C LYS B 13 1.59 -28.05 2.71
N VAL B 14 1.84 -26.78 3.02
CA VAL B 14 1.69 -25.75 2.01
C VAL B 14 2.95 -24.90 1.90
N SER B 15 3.52 -24.85 0.71
CA SER B 15 4.69 -24.03 0.45
CA SER B 15 4.69 -24.00 0.47
C SER B 15 4.29 -22.67 -0.16
N LEU B 16 4.88 -21.60 0.35
CA LEU B 16 4.60 -20.26 -0.12
C LEU B 16 5.90 -19.52 -0.45
N ALA B 17 5.98 -19.00 -1.67
CA ALA B 17 7.10 -18.13 -2.04
C ALA B 17 6.56 -16.79 -2.53
N LEU B 18 7.26 -15.71 -2.22
CA LEU B 18 6.93 -14.40 -2.75
C LEU B 18 8.02 -13.98 -3.74
N PHE B 19 7.61 -13.41 -4.86
CA PHE B 19 8.54 -12.97 -5.91
C PHE B 19 8.25 -11.52 -6.28
N GLU B 20 9.30 -10.74 -6.49
CA GLU B 20 9.16 -9.36 -6.99
C GLU B 20 9.90 -9.21 -8.33
N GLN B 21 9.68 -8.07 -8.99
CA GLN B 21 10.32 -7.80 -10.28
C GLN B 21 10.07 -8.93 -11.25
N VAL B 22 8.82 -9.37 -11.34
CA VAL B 22 8.47 -10.48 -12.20
C VAL B 22 8.35 -10.04 -13.65
N LYS B 23 9.03 -10.74 -14.55
CA LYS B 23 9.03 -10.39 -15.96
C LYS B 23 8.01 -11.18 -16.78
N ASN B 24 7.86 -12.48 -16.51
CA ASN B 24 7.04 -13.33 -17.36
C ASN B 24 5.62 -13.63 -16.85
N ALA B 25 4.97 -12.64 -16.26
CA ALA B 25 3.60 -12.79 -15.77
C ALA B 25 2.66 -13.23 -16.89
N LYS B 26 2.70 -12.51 -18.00
CA LYS B 26 1.89 -12.84 -19.16
C LYS B 26 2.07 -14.30 -19.61
N GLU B 27 3.32 -14.75 -19.65
CA GLU B 27 3.60 -16.13 -20.05
C GLU B 27 3.00 -17.08 -19.03
N ILE B 28 3.14 -16.75 -17.75
CA ILE B 28 2.59 -17.62 -16.72
C ILE B 28 1.08 -17.65 -16.79
N ARG B 29 0.47 -16.46 -16.86
CA ARG B 29 -0.97 -16.40 -16.89
C ARG B 29 -1.55 -17.19 -18.07
N SER B 30 -0.86 -17.19 -19.20
CA SER B 30 -1.34 -17.93 -20.36
C SER B 30 -1.23 -19.44 -20.16
N LYS B 31 -0.58 -19.85 -19.07
CA LYS B 31 -0.43 -21.26 -18.77
C LYS B 31 -1.09 -21.61 -17.42
N MET B 32 -1.91 -20.70 -16.91
CA MET B 32 -2.40 -20.78 -15.54
C MET B 32 -3.14 -22.08 -15.21
N SER B 33 -4.09 -22.45 -16.05
CA SER B 33 -4.82 -23.70 -15.84
C SER B 33 -3.89 -24.90 -15.93
N GLU B 34 -3.11 -24.96 -17.01
CA GLU B 34 -2.14 -26.04 -17.20
C GLU B 34 -1.21 -26.16 -15.98
N LEU B 35 -0.80 -25.02 -15.43
CA LEU B 35 0.11 -25.01 -14.29
C LEU B 35 -0.59 -25.24 -12.95
N SER B 36 -1.91 -25.18 -12.95
CA SER B 36 -2.64 -25.14 -11.67
C SER B 36 -2.37 -26.36 -10.80
N THR B 37 -2.20 -27.53 -11.41
CA THR B 37 -1.94 -28.71 -10.59
C THR B 37 -0.55 -28.65 -9.95
N SER B 38 0.31 -27.81 -10.52
CA SER B 38 1.65 -27.62 -9.99
C SER B 38 1.70 -26.52 -8.93
N PHE B 39 1.16 -25.33 -9.27
CA PHE B 39 1.18 -24.19 -8.35
C PHE B 39 -0.04 -23.29 -8.55
N ALA B 40 -0.40 -22.53 -7.51
CA ALA B 40 -1.28 -21.38 -7.67
C ALA B 40 -0.44 -20.10 -7.73
N PHE B 41 -0.86 -19.15 -8.54
CA PHE B 41 -0.18 -17.88 -8.68
C PHE B 41 -1.10 -16.74 -8.32
N ILE B 42 -0.84 -16.12 -7.18
CA ILE B 42 -1.79 -15.18 -6.59
C ILE B 42 -1.27 -13.75 -6.67
N ASP B 43 -2.18 -12.82 -6.90
CA ASP B 43 -1.85 -11.40 -7.03
C ASP B 43 -1.68 -10.75 -5.64
N PRO B 44 -0.44 -10.38 -5.26
CA PRO B 44 -0.21 -9.83 -3.91
C PRO B 44 -0.86 -8.47 -3.66
N ARG B 45 -1.33 -7.82 -4.73
CA ARG B 45 -2.02 -6.56 -4.55
C ARG B 45 -3.27 -6.76 -3.67
N LEU B 46 -3.77 -7.99 -3.60
CA LEU B 46 -4.96 -8.32 -2.82
C LEU B 46 -4.66 -8.96 -1.46
N VAL B 47 -3.38 -9.14 -1.14
CA VAL B 47 -3.00 -9.84 0.09
C VAL B 47 -2.20 -8.91 1.00
N CYS B 48 -2.75 -8.51 2.15
CA CYS B 48 -2.09 -7.51 2.98
C CYS B 48 -1.28 -8.12 4.12
N SER B 49 -1.50 -9.41 4.40
CA SER B 49 -0.84 -10.05 5.54
C SER B 49 -0.71 -11.55 5.38
N GLY B 50 0.28 -12.12 6.07
CA GLY B 50 0.40 -13.56 6.22
C GLY B 50 -0.88 -14.14 6.80
N GLU B 51 -1.41 -13.48 7.84
CA GLU B 51 -2.63 -13.95 8.51
C GLU B 51 -3.81 -14.15 7.54
N GLN B 52 -3.99 -13.22 6.62
CA GLN B 52 -5.02 -13.36 5.58
C GLN B 52 -4.80 -14.62 4.74
N MET B 53 -3.57 -14.82 4.27
CA MET B 53 -3.25 -15.99 3.44
C MET B 53 -3.47 -17.28 4.20
N TYR B 54 -2.96 -17.36 5.43
CA TYR B 54 -3.07 -18.57 6.25
C TYR B 54 -4.53 -18.86 6.57
N SER B 55 -5.32 -17.80 6.75
CA SER B 55 -6.74 -17.95 6.98
C SER B 55 -7.42 -18.64 5.80
N ALA B 56 -7.07 -18.22 4.60
CA ALA B 56 -7.62 -18.83 3.39
C ALA B 56 -7.20 -20.29 3.26
N ILE B 57 -5.96 -20.59 3.61
CA ILE B 57 -5.46 -21.95 3.51
C ILE B 57 -6.24 -22.86 4.45
N TYR B 58 -6.41 -22.40 5.68
CA TYR B 58 -7.18 -23.14 6.67
C TYR B 58 -8.64 -23.37 6.19
N LYS B 59 -9.27 -22.30 5.70
CA LYS B 59 -10.63 -22.40 5.14
C LYS B 59 -10.68 -23.45 4.02
N THR B 60 -9.67 -23.45 3.16
CA THR B 60 -9.59 -24.41 2.07
C THR B 60 -9.64 -25.85 2.59
N LEU B 61 -8.83 -26.16 3.59
CA LEU B 61 -8.77 -27.52 4.10
C LEU B 61 -10.05 -27.90 4.84
N ILE B 62 -10.68 -26.94 5.52
CA ILE B 62 -11.94 -27.21 6.21
CA ILE B 62 -11.94 -27.21 6.21
C ILE B 62 -13.02 -27.53 5.19
N GLU B 63 -13.13 -26.68 4.18
CA GLU B 63 -14.17 -26.80 3.18
C GLU B 63 -14.04 -28.09 2.40
N VAL B 64 -12.81 -28.45 2.05
CA VAL B 64 -12.59 -29.65 1.25
C VAL B 64 -12.87 -30.87 2.10
N LYS B 65 -12.26 -30.90 3.29
CA LYS B 65 -12.30 -32.05 4.17
C LYS B 65 -13.69 -32.34 4.72
N TYR B 66 -14.36 -31.32 5.25
CA TYR B 66 -15.65 -31.50 5.90
C TYR B 66 -16.83 -31.10 5.01
N ASN B 67 -16.55 -30.84 3.73
CA ASN B 67 -17.61 -30.55 2.75
C ASN B 67 -17.25 -31.13 1.37
N LYS B 68 -17.04 -30.27 0.38
CA LYS B 68 -16.71 -30.69 -0.98
C LYS B 68 -15.74 -29.73 -1.66
N MET B 69 -14.82 -30.26 -2.47
CA MET B 69 -13.94 -29.44 -3.30
C MET B 69 -14.65 -29.00 -4.58
N ARG B 70 -14.65 -27.69 -4.83
CA ARG B 70 -15.45 -27.08 -5.90
C ARG B 70 -14.67 -26.92 -7.20
N THR B 71 -13.35 -26.78 -7.10
CA THR B 71 -12.49 -26.62 -8.27
C THR B 71 -11.71 -27.91 -8.50
N ARG B 72 -10.80 -27.89 -9.45
CA ARG B 72 -10.11 -29.12 -9.85
C ARG B 72 -9.02 -29.61 -8.88
N ASN B 73 -8.50 -28.73 -8.05
CA ASN B 73 -7.41 -29.12 -7.15
C ASN B 73 -7.27 -28.13 -5.98
N LEU B 74 -6.49 -28.50 -4.96
CA LEU B 74 -6.34 -27.67 -3.75
C LEU B 74 -5.72 -26.30 -4.04
N ASN B 75 -4.77 -26.23 -4.96
CA ASN B 75 -4.14 -24.96 -5.30
C ASN B 75 -5.18 -23.93 -5.73
N SER B 76 -6.01 -24.33 -6.71
N SER B 76 -6.03 -24.31 -6.69
CA SER B 76 -7.08 -23.49 -7.22
CA SER B 76 -7.05 -23.39 -7.18
C SER B 76 -8.10 -23.24 -6.13
C SER B 76 -8.20 -23.26 -6.18
N GLU B 77 -8.41 -24.28 -5.35
CA GLU B 77 -9.44 -24.19 -4.32
C GLU B 77 -9.06 -23.05 -3.35
N CYS B 78 -7.76 -22.94 -3.09
CA CYS B 78 -7.26 -21.94 -2.16
C CYS B 78 -7.49 -20.52 -2.71
N VAL B 79 -7.27 -20.35 -4.01
CA VAL B 79 -7.58 -19.09 -4.67
C VAL B 79 -9.07 -18.78 -4.50
N LEU B 80 -9.93 -19.78 -4.67
CA LEU B 80 -11.35 -19.57 -4.42
C LEU B 80 -11.65 -19.16 -2.95
N CME B 81 -11.03 -19.83 -1.99
CA CME B 81 -11.30 -19.52 -0.58
CB CME B 81 -10.87 -20.66 0.31
SG CME B 81 -11.66 -22.09 0.22
SD CME B 81 -13.49 -21.86 0.71
CE CME B 81 -14.61 -21.91 -0.72
CZ CME B 81 -14.60 -23.16 -1.63
OH CME B 81 -14.32 -24.41 -1.07
C CME B 81 -10.78 -18.12 -0.12
O CME B 81 -11.23 -17.55 0.81
N LEU B 82 -9.77 -17.61 -0.82
CA LEU B 82 -9.24 -16.30 -0.50
C LEU B 82 -10.27 -15.22 -0.85
N SER B 83 -11.11 -15.51 -1.84
CA SER B 83 -12.07 -14.51 -2.30
C SER B 83 -13.35 -14.48 -1.44
N PRO B 84 -14.06 -13.33 -1.45
CA PRO B 84 -15.21 -13.11 -0.56
C PRO B 84 -16.51 -13.76 -1.03
N THR B 85 -16.58 -14.26 -2.27
CA THR B 85 -17.82 -14.92 -2.73
C THR B 85 -17.56 -16.33 -3.21
N SER B 86 -18.63 -17.04 -3.60
CA SER B 86 -18.49 -18.40 -4.09
C SER B 86 -18.22 -18.46 -5.60
N ASN B 87 -18.25 -17.31 -6.28
CA ASN B 87 -18.09 -17.34 -7.73
C ASN B 87 -16.67 -17.66 -8.17
N ILE B 88 -16.54 -18.78 -8.88
CA ILE B 88 -15.22 -19.32 -9.23
C ILE B 88 -14.50 -18.41 -10.23
N SER B 89 -15.21 -18.01 -11.28
CA SER B 89 -14.62 -17.12 -12.29
CA SER B 89 -14.63 -17.13 -12.29
C SER B 89 -14.10 -15.81 -11.70
N ASP B 90 -14.89 -15.22 -10.80
CA ASP B 90 -14.47 -14.00 -10.11
C ASP B 90 -13.21 -14.17 -9.26
N ALA B 91 -13.16 -15.24 -8.48
CA ALA B 91 -11.96 -15.54 -7.69
C ALA B 91 -10.71 -15.68 -8.56
N PHE B 92 -10.80 -16.48 -9.62
CA PHE B 92 -9.64 -16.72 -10.50
C PHE B 92 -9.15 -15.42 -11.16
N LEU B 93 -10.09 -14.61 -11.62
CA LEU B 93 -9.77 -13.34 -12.27
C LEU B 93 -9.12 -12.36 -11.30
N LYS B 94 -9.84 -12.08 -10.22
CA LYS B 94 -9.45 -11.02 -9.29
C LYS B 94 -8.24 -11.36 -8.42
N PHE B 95 -8.10 -12.62 -8.04
CA PHE B 95 -7.01 -13.01 -7.14
C PHE B 95 -5.85 -13.68 -7.86
N GLY B 96 -6.07 -14.13 -9.09
CA GLY B 96 -5.00 -14.70 -9.89
C GLY B 96 -4.11 -13.59 -10.42
N ILE B 97 -2.89 -13.92 -10.84
CA ILE B 97 -2.00 -12.89 -11.40
C ILE B 97 -2.56 -12.30 -12.69
N LYS B 98 -2.15 -11.07 -12.98
CA LYS B 98 -2.57 -10.35 -14.17
C LYS B 98 -1.40 -10.29 -15.15
N ASP B 99 -1.67 -9.93 -16.40
CA ASP B 99 -0.60 -9.76 -17.39
C ASP B 99 0.39 -8.70 -16.95
N ASP B 100 -0.09 -7.73 -16.18
CA ASP B 100 0.76 -6.65 -15.66
C ASP B 100 1.32 -6.88 -14.24
N SER B 101 1.26 -8.11 -13.73
CA SER B 101 1.75 -8.36 -12.38
C SER B 101 3.27 -8.24 -12.28
N SER B 102 3.74 -7.39 -11.37
CA SER B 102 5.17 -7.29 -11.10
C SER B 102 5.59 -8.08 -9.86
N GLN B 103 4.62 -8.47 -9.04
CA GLN B 103 4.87 -9.39 -7.91
C GLN B 103 3.89 -10.55 -7.99
N LEU B 104 4.27 -11.69 -7.42
CA LEU B 104 3.32 -12.79 -7.30
C LEU B 104 3.60 -13.67 -6.08
N ILE B 105 2.54 -14.26 -5.54
CA ILE B 105 2.67 -15.30 -4.54
C ILE B 105 2.56 -16.65 -5.26
N CYS B 106 3.53 -17.52 -5.03
CA CYS B 106 3.52 -18.85 -5.63
C CYS B 106 3.26 -19.89 -4.52
N LEU B 107 2.20 -20.67 -4.69
CA LEU B 107 1.71 -21.53 -3.62
C LEU B 107 1.52 -22.97 -4.10
N LYS B 108 1.89 -23.94 -3.28
CA LYS B 108 1.66 -25.33 -3.63
C LYS B 108 1.26 -26.15 -2.41
N PHE B 109 0.14 -26.86 -2.53
CA PHE B 109 -0.32 -27.81 -1.52
C PHE B 109 0.35 -29.17 -1.78
N HIS B 110 0.89 -29.77 -0.73
CA HIS B 110 1.47 -31.11 -0.80
C HIS B 110 0.61 -32.02 0.05
N THR B 111 0.09 -33.08 -0.57
CA THR B 111 -0.82 -34.00 0.09
C THR B 111 -0.07 -35.30 0.36
N ASN B 112 1.25 -35.24 0.21
CA ASN B 112 2.12 -36.38 0.45
C ASN B 112 2.27 -36.66 1.94
N THR B 113 2.15 -37.94 2.31
CA THR B 113 2.44 -38.35 3.67
C THR B 113 3.89 -38.01 3.96
N ASP B 114 4.71 -38.07 2.92
CA ASP B 114 6.14 -37.77 3.03
C ASP B 114 6.38 -36.27 3.20
N ASP B 115 7.66 -35.89 3.30
CA ASP B 115 8.04 -34.50 3.48
C ASP B 115 8.04 -33.72 2.17
N VAL B 116 8.15 -32.41 2.31
CA VAL B 116 8.32 -31.52 1.15
C VAL B 116 9.79 -31.45 0.78
N ASP B 117 10.10 -31.75 -0.48
CA ASP B 117 11.46 -31.61 -0.99
C ASP B 117 11.82 -30.14 -1.15
N LYS B 118 11.95 -29.45 -0.02
CA LYS B 118 12.23 -28.02 0.01
C LYS B 118 13.06 -27.47 -1.16
N GLU B 119 14.26 -28.00 -1.37
CA GLU B 119 15.16 -27.42 -2.38
C GLU B 119 14.83 -27.77 -3.83
N GLN B 120 14.32 -28.96 -4.06
CA GLN B 120 13.84 -29.32 -5.40
C GLN B 120 12.72 -28.37 -5.79
N LEU B 121 11.67 -28.35 -4.98
CA LEU B 121 10.51 -27.49 -5.22
C LEU B 121 10.89 -26.03 -5.50
N ARG B 122 11.82 -25.48 -4.72
CA ARG B 122 12.23 -24.10 -4.90
C ARG B 122 12.92 -23.84 -6.22
N THR B 123 13.64 -24.84 -6.72
CA THR B 123 14.32 -24.69 -8.01
C THR B 123 13.30 -24.59 -9.13
N ILE B 124 12.28 -25.43 -9.05
CA ILE B 124 11.23 -25.42 -10.06
C ILE B 124 10.53 -24.05 -10.08
N MET B 125 10.08 -23.59 -8.91
CA MET B 125 9.44 -22.28 -8.83
C MET B 125 10.28 -21.20 -9.50
N THR B 126 11.58 -21.21 -9.19
CA THR B 126 12.47 -20.18 -9.72
C THR B 126 12.71 -20.35 -11.22
N SER B 127 12.66 -21.58 -11.70
CA SER B 127 12.80 -21.80 -13.14
C SER B 127 11.55 -21.36 -13.89
N ILE B 128 10.39 -21.43 -13.23
CA ILE B 128 9.12 -21.08 -13.88
C ILE B 128 8.85 -19.58 -13.84
N VAL B 129 9.20 -18.95 -12.72
CA VAL B 129 8.97 -17.52 -12.54
C VAL B 129 10.24 -16.72 -12.79
N LYS B 130 10.18 -15.76 -13.70
CA LYS B 130 11.32 -14.89 -13.95
C LYS B 130 11.24 -13.65 -13.05
N GLY B 131 11.64 -13.85 -11.81
CA GLY B 131 11.62 -12.78 -10.84
C GLY B 131 12.58 -13.10 -9.71
N GLN B 132 12.63 -12.20 -8.73
CA GLN B 132 13.52 -12.36 -7.58
C GLN B 132 12.71 -12.80 -6.35
N GLU B 133 13.02 -13.97 -5.82
CA GLU B 133 12.36 -14.44 -4.62
C GLU B 133 12.78 -13.63 -3.40
N ILE B 134 11.78 -13.12 -2.69
CA ILE B 134 12.02 -12.46 -1.41
C ILE B 134 11.23 -13.20 -0.33
N GLU B 135 11.51 -12.88 0.93
CA GLU B 135 10.90 -13.63 2.02
C GLU B 135 9.40 -13.36 2.11
N PHE B 136 8.62 -14.41 2.36
CA PHE B 136 7.19 -14.25 2.56
C PHE B 136 6.94 -13.76 4.00
N ASN B 137 6.82 -12.45 4.16
CA ASN B 137 6.52 -11.87 5.46
C ASN B 137 5.69 -10.58 5.35
N ASP B 138 5.18 -10.09 6.47
CA ASP B 138 4.33 -8.92 6.45
C ASP B 138 5.02 -7.63 5.98
N ASP B 139 6.30 -7.48 6.32
N ASP B 139 6.30 -7.49 6.31
CA ASP B 139 7.06 -6.33 5.85
CA ASP B 139 7.08 -6.35 5.84
C ASP B 139 7.09 -6.26 4.32
C ASP B 139 7.07 -6.27 4.32
N ASN B 140 7.36 -7.40 3.67
CA ASN B 140 7.35 -7.43 2.21
C ASN B 140 5.93 -7.30 1.65
N LEU B 141 4.96 -7.97 2.27
CA LEU B 141 3.59 -7.83 1.78
C LEU B 141 3.13 -6.38 1.85
N SER B 142 3.57 -5.61 2.86
CA SER B 142 3.15 -4.21 2.99
CA SER B 142 3.19 -4.20 2.99
C SER B 142 3.63 -3.38 1.80
N ARG B 143 4.67 -3.83 1.13
CA ARG B 143 5.19 -3.10 -0.01
C ARG B 143 4.27 -3.18 -1.22
N PHE B 144 3.38 -4.17 -1.26
CA PHE B 144 2.67 -4.42 -2.51
C PHE B 144 1.14 -4.36 -2.47
N TYR B 145 0.54 -4.50 -1.29
CA TYR B 145 -0.91 -4.56 -1.30
C TYR B 145 -1.51 -3.22 -1.70
N ASP B 146 -2.64 -3.30 -2.40
CA ASP B 146 -3.34 -2.11 -2.84
C ASP B 146 -4.65 -2.01 -2.07
N GLU B 147 -4.67 -1.10 -1.11
CA GLU B 147 -5.82 -1.02 -0.22
C GLU B 147 -7.09 -0.65 -0.95
N ALA B 148 -6.99 0.15 -2.02
CA ALA B 148 -8.19 0.52 -2.76
C ALA B 148 -8.80 -0.71 -3.44
N LEU B 149 -7.95 -1.52 -4.05
CA LEU B 149 -8.41 -2.73 -4.73
C LEU B 149 -9.01 -3.69 -3.71
N ILE B 150 -8.32 -3.83 -2.57
CA ILE B 150 -8.83 -4.68 -1.50
C ILE B 150 -10.21 -4.25 -1.01
N ARG B 151 -10.38 -2.95 -0.75
CA ARG B 151 -11.67 -2.44 -0.27
C ARG B 151 -12.75 -2.69 -1.32
N LYS B 152 -12.41 -2.52 -2.59
CA LYS B 152 -13.38 -2.70 -3.66
C LYS B 152 -13.80 -4.17 -3.76
N ILE B 153 -12.82 -5.05 -3.81
CA ILE B 153 -13.10 -6.46 -4.08
C ILE B 153 -13.72 -7.20 -2.88
N TYR B 154 -13.24 -6.90 -1.68
CA TYR B 154 -13.85 -7.45 -0.49
C TYR B 154 -15.08 -6.62 -0.07
N LYS B 155 -15.46 -5.68 -0.93
CA LYS B 155 -16.61 -4.81 -0.65
C LYS B 155 -16.67 -4.30 0.77
N LEU B 156 -15.58 -3.68 1.23
CA LEU B 156 -15.57 -3.02 2.52
C LEU B 156 -16.26 -1.66 2.39
N SER B 157 -16.99 -1.24 3.43
CA SER B 157 -17.62 0.07 3.41
C SER B 157 -16.60 1.19 3.59
N ASP B 158 -16.86 2.35 2.99
CA ASP B 158 -15.98 3.51 3.16
C ASP B 158 -15.98 4.02 4.59
N ASP B 159 -17.04 3.73 5.33
CA ASP B 159 -17.13 4.08 6.74
C ASP B 159 -16.27 3.17 7.60
N PHE B 160 -15.88 2.01 7.06
CA PHE B 160 -14.93 1.13 7.72
C PHE B 160 -13.56 1.81 7.72
N LYS B 161 -13.05 2.13 8.90
CA LYS B 161 -11.81 2.89 9.02
C LYS B 161 -10.92 2.29 10.09
N PRO B 162 -10.27 1.15 9.78
CA PRO B 162 -9.39 0.52 10.76
C PRO B 162 -8.21 1.43 11.09
N GLN B 163 -7.62 1.26 12.26
CA GLN B 163 -6.47 2.08 12.64
C GLN B 163 -5.26 1.84 11.74
N ASP B 164 -5.03 0.58 11.39
CA ASP B 164 -3.81 0.18 10.69
C ASP B 164 -4.02 -1.13 9.92
N VAL B 165 -2.93 -1.68 9.41
CA VAL B 165 -3.00 -2.93 8.64
C VAL B 165 -3.60 -4.07 9.47
N ASN B 166 -3.36 -4.07 10.78
CA ASN B 166 -3.95 -5.11 11.63
C ASN B 166 -5.46 -5.11 11.58
N GLY B 167 -6.07 -3.92 11.63
CA GLY B 167 -7.52 -3.80 11.51
C GLY B 167 -8.03 -4.26 10.13
N LEU B 168 -7.34 -3.85 9.08
CA LEU B 168 -7.72 -4.27 7.73
C LEU B 168 -7.69 -5.81 7.62
N SER B 169 -6.59 -6.39 8.03
CA SER B 169 -6.41 -7.84 8.01
C SER B 169 -7.51 -8.57 8.76
N ARG B 170 -7.89 -8.05 9.93
CA ARG B 170 -8.99 -8.64 10.69
C ARG B 170 -10.29 -8.69 9.89
N ALA B 171 -10.62 -7.62 9.18
CA ALA B 171 -11.82 -7.60 8.34
C ALA B 171 -11.75 -8.63 7.22
N LEU B 172 -10.57 -8.80 6.63
CA LEU B 172 -10.42 -9.77 5.53
C LEU B 172 -10.55 -11.21 6.05
N VAL B 173 -9.91 -11.48 7.17
CA VAL B 173 -10.04 -12.80 7.81
C VAL B 173 -11.52 -13.07 8.10
N ASP B 174 -12.18 -12.07 8.67
CA ASP B 174 -13.63 -12.13 8.89
C ASP B 174 -14.41 -12.51 7.63
N ALA B 175 -14.12 -11.85 6.51
CA ALA B 175 -14.82 -12.13 5.26
C ALA B 175 -14.47 -13.51 4.70
N ILE B 176 -13.25 -13.96 4.98
CA ILE B 176 -12.81 -15.26 4.48
C ILE B 176 -13.41 -16.40 5.26
N GLN B 177 -13.40 -16.29 6.58
CA GLN B 177 -13.97 -17.33 7.44
C GLN B 177 -15.46 -17.15 7.64
N LEU B 178 -16.05 -16.20 6.92
CA LEU B 178 -17.47 -15.88 7.02
C LEU B 178 -17.86 -15.37 8.40
#